data_5DD9
#
_entry.id   5DD9
#
_cell.length_a   48.830
_cell.length_b   80.230
_cell.length_c   125.228
_cell.angle_alpha   90.00
_cell.angle_beta   90.00
_cell.angle_gamma   90.00
#
_symmetry.space_group_name_H-M   'P 21 21 21'
#
loop_
_entity.id
_entity.type
_entity.pdbx_description
1 polymer Menin
2 non-polymer 4-[4-(5-methyl-1,3,4-thiadiazol-2-yl)piperazin-1-yl]-6-(2,2,2-trifluoroethyl)thieno[2,3-d]pyrimidine
3 non-polymer 'DIMETHYL SULFOXIDE'
4 non-polymer 'TETRAETHYLENE GLYCOL'
5 non-polymer 'TRIETHYLENE GLYCOL'
6 non-polymer 'SULFATE ION'
7 water water
#
_entity_poly.entity_id   1
_entity_poly.type   'polypeptide(L)'
_entity_poly.pdbx_seq_one_letter_code
;GGSSSMGLKAAQKTLFPLRSIDDVVRLFAAELGREEPDLVLLSLVLGFVEHFLAVNRVGLTYFPVADLSIIAALYARFTA
QIRGAVDLSLYPREGGVSSRELVKKVSDVIWNSLSRSYFKDRAHIQSLFSFITGTKLDSSGVAFAVVGACQALGLRDVHL
ALSEDHAWVVFGPNGEQTAEVTWHGKGNEDRRGQTVNAGVAERSWLYLKGSYMRCDRKMEVAFMVCAINPSIDLHTDSLE
LLQLQQKLLWLLYDLGHLERYPMALGNLADLEELEPTPGRPDPLTLYHKGIASAKTYYRDEHIYPYMYLAGYHCRNRNVR
EALQAWADTATVIQDYNYCREDEEIYKEFFEVANDVIPNLLKEAASLLEAGSQGSALQDPECFAHLLRFYDGICKWEEGS
PTPVLHVGWATFLVQSLGRFEGQVRQKVRIVSVPAPAASPPPEGPVLTFQSEKMKGMKELLVATKINSSAIKLQLTAQSQ
VQMKKQKVS
;
_entity_poly.pdbx_strand_id   A
#
# COMPACT_ATOMS: atom_id res chain seq x y z
N GLY A 7 13.15 10.56 -29.22
CA GLY A 7 12.72 11.94 -28.98
C GLY A 7 13.35 12.49 -27.72
N LEU A 8 14.37 11.79 -27.29
CA LEU A 8 15.21 12.17 -26.17
C LEU A 8 16.06 13.36 -26.52
N LYS A 9 16.33 14.19 -25.54
CA LYS A 9 17.19 15.34 -25.70
C LYS A 9 18.64 14.96 -25.53
N ALA A 10 19.56 15.68 -26.19
CA ALA A 10 20.98 15.34 -26.13
C ALA A 10 21.48 15.11 -24.70
N ALA A 11 21.05 15.99 -23.79
CA ALA A 11 21.49 15.93 -22.40
C ALA A 11 21.00 14.69 -21.64
N GLN A 12 19.89 14.12 -22.09
CA GLN A 12 19.41 12.88 -21.48
C GLN A 12 20.22 11.67 -21.92
N LYS A 13 20.99 11.81 -23.01
CA LYS A 13 21.66 10.66 -23.59
C LYS A 13 23.11 10.47 -23.12
N THR A 14 23.70 11.52 -22.53
CA THR A 14 25.13 11.53 -22.21
C THR A 14 25.60 10.49 -21.17
N LEU A 15 24.71 10.06 -20.26
CA LEU A 15 25.13 9.01 -19.31
C LEU A 15 25.15 7.58 -19.89
N PHE A 16 24.61 7.38 -21.08
CA PHE A 16 24.58 6.02 -21.64
C PHE A 16 25.94 5.64 -22.21
N PRO A 17 26.29 4.35 -22.15
CA PRO A 17 25.47 3.22 -21.65
C PRO A 17 25.46 3.06 -20.14
N LEU A 18 24.39 2.50 -19.58
CA LEU A 18 24.36 2.34 -18.11
C LEU A 18 24.93 0.97 -17.79
N ARG A 19 26.06 0.94 -17.07
CA ARG A 19 26.78 -0.34 -16.90
C ARG A 19 26.72 -0.90 -15.51
N SER A 20 26.04 -0.19 -14.62
CA SER A 20 25.91 -0.64 -13.24
C SER A 20 24.71 -0.03 -12.54
N ILE A 21 24.42 -0.54 -11.34
CA ILE A 21 23.43 0.05 -10.44
C ILE A 21 23.69 1.54 -10.27
N ASP A 22 24.94 1.90 -9.94
CA ASP A 22 25.22 3.31 -9.71
C ASP A 22 25.01 4.16 -10.97
N ASP A 23 25.27 3.60 -12.15
CA ASP A 23 24.97 4.36 -13.39
C ASP A 23 23.46 4.66 -13.54
N VAL A 24 22.63 3.69 -13.13
CA VAL A 24 21.16 3.91 -13.11
C VAL A 24 20.80 4.99 -12.09
N VAL A 25 21.41 4.96 -10.89
CA VAL A 25 21.16 6.01 -9.90
C VAL A 25 21.58 7.38 -10.46
N ARG A 26 22.70 7.44 -11.20
CA ARG A 26 23.13 8.76 -11.76
C ARG A 26 22.11 9.29 -12.76
N LEU A 27 21.51 8.37 -13.55
CA LEU A 27 20.46 8.76 -14.47
C LEU A 27 19.22 9.32 -13.76
N PHE A 28 18.79 8.63 -12.70
CA PHE A 28 17.72 9.16 -11.90
C PHE A 28 18.02 10.51 -11.28
N ALA A 29 19.26 10.69 -10.80
CA ALA A 29 19.64 11.96 -10.18
C ALA A 29 19.60 13.05 -11.24
N ALA A 30 20.05 12.74 -12.45
CA ALA A 30 20.08 13.75 -13.50
C ALA A 30 18.65 14.15 -13.90
N GLU A 31 17.78 13.15 -14.08
CA GLU A 31 16.39 13.44 -14.43
C GLU A 31 15.65 14.22 -13.33
N LEU A 32 15.94 13.87 -12.08
CA LEU A 32 15.26 14.52 -10.95
C LEU A 32 15.72 15.96 -10.80
N GLY A 33 16.83 16.29 -11.45
CA GLY A 33 17.37 17.67 -11.44
C GLY A 33 16.78 18.49 -12.57
N ARG A 34 15.92 17.87 -13.35
CA ARG A 34 15.28 18.56 -14.46
C ARG A 34 13.95 19.17 -14.12
N GLU A 35 13.54 20.12 -14.95
CA GLU A 35 12.22 20.72 -14.81
C GLU A 35 11.16 19.63 -14.62
N GLU A 36 11.17 18.67 -15.55
CA GLU A 36 10.27 17.53 -15.52
C GLU A 36 11.05 16.22 -15.72
N PRO A 37 11.21 15.39 -14.72
CA PRO A 37 11.86 14.13 -15.06
C PRO A 37 11.06 13.32 -16.06
N ASP A 38 11.76 12.61 -16.93
CA ASP A 38 11.10 11.91 -18.03
C ASP A 38 10.64 10.55 -17.58
N LEU A 39 9.32 10.43 -17.34
CA LEU A 39 8.75 9.18 -16.79
C LEU A 39 8.92 7.99 -17.73
N VAL A 40 8.80 8.27 -19.02
CA VAL A 40 8.87 7.22 -20.04
C VAL A 40 10.30 6.64 -20.09
N LEU A 41 11.30 7.52 -20.12
CA LEU A 41 12.69 7.08 -20.14
C LEU A 41 12.97 6.23 -18.90
N LEU A 42 12.57 6.77 -17.75
CA LEU A 42 12.96 6.14 -16.45
C LEU A 42 12.27 4.77 -16.27
N SER A 43 10.99 4.71 -16.65
CA SER A 43 10.25 3.43 -16.54
C SER A 43 10.79 2.36 -17.54
N LEU A 44 11.16 2.78 -18.75
CA LEU A 44 11.80 1.86 -19.71
C LEU A 44 13.13 1.31 -19.18
N VAL A 45 13.97 2.19 -18.63
CA VAL A 45 15.26 1.80 -18.02
C VAL A 45 15.01 0.77 -16.86
N LEU A 46 14.11 1.11 -15.92
CA LEU A 46 13.87 0.17 -14.80
C LEU A 46 13.32 -1.16 -15.31
N GLY A 47 12.39 -1.09 -16.26
CA GLY A 47 11.81 -2.34 -16.77
C GLY A 47 12.87 -3.19 -17.50
N PHE A 48 13.76 -2.55 -18.26
CA PHE A 48 14.82 -3.25 -18.97
C PHE A 48 15.71 -3.93 -17.92
N VAL A 49 16.20 -3.19 -16.93
CA VAL A 49 17.10 -3.82 -15.95
C VAL A 49 16.40 -4.92 -15.11
N GLU A 50 15.13 -4.72 -14.76
CA GLU A 50 14.38 -5.74 -14.04
C GLU A 50 14.21 -6.95 -14.90
N HIS A 51 13.94 -6.77 -16.20
CA HIS A 51 13.72 -7.95 -17.03
C HIS A 51 14.99 -8.83 -17.00
N PHE A 52 16.14 -8.21 -17.18
CA PHE A 52 17.42 -8.97 -17.28
C PHE A 52 18.05 -9.29 -15.92
N LEU A 53 17.47 -8.82 -14.81
CA LEU A 53 17.92 -9.25 -13.47
C LEU A 53 16.96 -10.17 -12.77
N ALA A 54 15.67 -10.15 -13.12
CA ALA A 54 14.68 -11.03 -12.45
C ALA A 54 13.93 -11.95 -13.37
N VAL A 55 13.68 -11.55 -14.62
CA VAL A 55 12.84 -12.42 -15.48
C VAL A 55 13.71 -13.39 -16.24
N ASN A 56 14.79 -12.89 -16.82
CA ASN A 56 15.72 -13.72 -17.60
C ASN A 56 17.16 -13.39 -17.29
N ARG A 57 17.80 -14.15 -16.42
CA ARG A 57 19.19 -13.92 -16.07
C ARG A 57 20.24 -14.69 -16.92
N VAL A 58 19.82 -15.28 -18.01
CA VAL A 58 20.75 -15.98 -18.88
C VAL A 58 21.82 -15.05 -19.42
N GLY A 59 23.07 -15.35 -19.16
CA GLY A 59 24.11 -14.54 -19.72
C GLY A 59 24.64 -13.50 -18.75
N LEU A 60 23.91 -13.31 -17.68
CA LEU A 60 24.26 -12.28 -16.71
C LEU A 60 25.64 -12.56 -16.11
N THR A 61 26.50 -11.54 -16.14
CA THR A 61 27.78 -11.67 -15.48
C THR A 61 28.03 -10.58 -14.40
N TYR A 62 27.31 -9.46 -14.48
CA TYR A 62 27.39 -8.42 -13.45
C TYR A 62 26.12 -7.56 -13.47
N PHE A 63 25.90 -6.89 -14.59
CA PHE A 63 24.79 -5.99 -14.74
C PHE A 63 24.38 -5.99 -16.19
N PRO A 64 23.09 -5.84 -16.46
CA PRO A 64 22.66 -5.80 -17.85
C PRO A 64 22.89 -4.44 -18.45
N VAL A 65 23.92 -4.33 -19.25
CA VAL A 65 24.24 -3.05 -19.82
C VAL A 65 23.08 -2.50 -20.64
N ALA A 66 22.68 -1.28 -20.33
CA ALA A 66 21.63 -0.59 -21.11
C ALA A 66 22.25 0.39 -22.09
N ASP A 67 22.31 -0.05 -23.35
CA ASP A 67 22.82 0.78 -24.42
C ASP A 67 21.79 1.80 -24.87
N LEU A 68 22.27 2.98 -25.25
CA LEU A 68 21.39 4.02 -25.75
C LEU A 68 20.58 3.51 -26.94
N SER A 69 21.19 2.73 -27.84
CA SER A 69 20.47 2.31 -29.03
C SER A 69 19.21 1.51 -28.68
N ILE A 70 19.35 0.62 -27.71
CA ILE A 70 18.26 -0.22 -27.22
C ILE A 70 17.18 0.60 -26.51
N ILE A 71 17.61 1.43 -25.56
CA ILE A 71 16.64 2.24 -24.80
C ILE A 71 15.97 3.28 -25.70
N ALA A 72 16.74 3.93 -26.59
CA ALA A 72 16.13 4.86 -27.50
C ALA A 72 15.12 4.23 -28.45
N ALA A 73 15.36 2.98 -28.89
CA ALA A 73 14.40 2.32 -29.79
C ALA A 73 13.10 1.98 -29.04
N LEU A 74 13.22 1.55 -27.80
CA LEU A 74 12.00 1.31 -26.97
C LEU A 74 11.20 2.62 -26.79
N TYR A 75 11.92 3.70 -26.52
CA TYR A 75 11.34 5.02 -26.27
C TYR A 75 10.61 5.47 -27.51
N ALA A 76 11.23 5.24 -28.68
CA ALA A 76 10.60 5.57 -29.95
C ALA A 76 9.35 4.77 -30.20
N ARG A 77 9.35 3.49 -29.82
CA ARG A 77 8.17 2.64 -29.99
CA ARG A 77 8.15 2.70 -30.03
C ARG A 77 7.00 3.25 -29.18
N PHE A 78 7.29 3.58 -27.92
CA PHE A 78 6.24 4.15 -27.08
C PHE A 78 5.72 5.48 -27.62
N THR A 79 6.62 6.41 -27.84
CA THR A 79 6.16 7.73 -28.29
C THR A 79 5.45 7.68 -29.65
N ALA A 80 5.89 6.80 -30.58
CA ALA A 80 5.16 6.65 -31.88
C ALA A 80 3.75 6.10 -31.67
N GLN A 81 3.60 5.14 -30.75
CA GLN A 81 2.31 4.52 -30.47
C GLN A 81 1.32 5.57 -29.93
N ILE A 82 1.81 6.42 -29.02
CA ILE A 82 0.92 7.38 -28.35
C ILE A 82 0.61 8.52 -29.29
N ARG A 83 1.64 9.09 -29.90
CA ARG A 83 1.44 10.27 -30.76
C ARG A 83 0.63 9.92 -32.01
N GLY A 84 0.79 8.71 -32.51
CA GLY A 84 -0.01 8.27 -33.67
C GLY A 84 -1.47 8.01 -33.36
N ALA A 85 -1.78 7.58 -32.14
CA ALA A 85 -3.13 7.13 -31.79
C ALA A 85 -3.95 8.25 -31.15
N VAL A 86 -3.26 9.24 -30.60
CA VAL A 86 -3.93 10.37 -29.93
C VAL A 86 -3.63 11.64 -30.74
N ASP A 87 -4.61 12.08 -31.50
CA ASP A 87 -4.50 13.31 -32.23
C ASP A 87 -4.97 14.52 -31.39
N LEU A 88 -4.01 15.27 -30.85
CA LEU A 88 -4.31 16.40 -29.98
C LEU A 88 -5.15 17.53 -30.55
N SER A 89 -5.19 17.65 -31.88
CA SER A 89 -5.97 18.71 -32.50
C SER A 89 -7.45 18.48 -32.30
N LEU A 90 -7.83 17.24 -32.00
CA LEU A 90 -9.24 16.93 -31.81
C LEU A 90 -9.71 17.33 -30.40
N TYR A 91 -8.73 17.65 -29.53
CA TYR A 91 -8.97 17.97 -28.10
C TYR A 91 -8.27 19.26 -27.70
N PRO A 92 -8.79 20.40 -28.19
CA PRO A 92 -8.20 21.72 -27.89
C PRO A 92 -7.95 21.90 -26.40
N ARG A 93 -6.81 22.45 -26.02
CA ARG A 93 -6.52 22.66 -24.59
C ARG A 93 -6.89 24.06 -24.11
N GLU A 94 -8.07 24.11 -23.49
CA GLU A 94 -8.61 25.34 -22.94
C GLU A 94 -7.86 25.66 -21.64
N GLY A 95 -6.99 26.67 -21.68
CA GLY A 95 -6.34 27.17 -20.47
C GLY A 95 -5.03 26.52 -20.08
N GLY A 96 -4.42 25.81 -21.03
CA GLY A 96 -3.18 25.08 -20.73
C GLY A 96 -3.46 23.80 -19.94
N VAL A 97 -4.75 23.43 -19.86
CA VAL A 97 -5.10 22.21 -19.13
C VAL A 97 -5.91 21.27 -20.00
N SER A 98 -5.95 19.98 -19.60
CA SER A 98 -6.50 18.93 -20.41
C SER A 98 -7.96 18.73 -20.10
N SER A 99 -8.62 18.07 -21.01
CA SER A 99 -10.05 17.84 -20.94
C SER A 99 -10.32 16.40 -20.54
N ARG A 100 -11.51 16.13 -19.99
CA ARG A 100 -11.82 14.75 -19.63
C ARG A 100 -11.80 13.82 -20.87
N GLU A 101 -12.24 14.34 -22.03
CA GLU A 101 -12.26 13.53 -23.27
C GLU A 101 -10.84 13.13 -23.68
N LEU A 102 -9.87 14.04 -23.53
CA LEU A 102 -8.48 13.75 -23.89
C LEU A 102 -7.95 12.67 -22.94
N VAL A 103 -8.21 12.81 -21.63
CA VAL A 103 -7.71 11.82 -20.64
C VAL A 103 -8.30 10.44 -20.95
N LYS A 104 -9.58 10.40 -21.28
CA LYS A 104 -10.27 9.15 -21.62
C LYS A 104 -9.67 8.53 -22.87
N LYS A 105 -9.33 9.39 -23.85
CA LYS A 105 -8.76 8.90 -25.09
C LYS A 105 -7.41 8.20 -24.81
N VAL A 106 -6.59 8.83 -23.99
CA VAL A 106 -5.24 8.26 -23.70
C VAL A 106 -5.45 6.94 -22.94
N SER A 107 -6.35 6.93 -21.96
CA SER A 107 -6.64 5.70 -21.25
C SER A 107 -7.12 4.56 -22.20
N ASP A 108 -7.99 4.90 -23.16
CA ASP A 108 -8.42 3.90 -24.13
C ASP A 108 -7.26 3.39 -25.00
N VAL A 109 -6.37 4.30 -25.42
CA VAL A 109 -5.20 3.91 -26.21
C VAL A 109 -4.35 2.87 -25.49
N ILE A 110 -4.05 3.13 -24.21
CA ILE A 110 -3.31 2.16 -23.41
C ILE A 110 -4.07 0.85 -23.26
N TRP A 111 -5.35 0.96 -22.87
CA TRP A 111 -6.19 -0.24 -22.63
C TRP A 111 -6.27 -1.10 -23.89
N ASN A 112 -6.56 -0.45 -25.01
CA ASN A 112 -6.77 -1.21 -26.25
C ASN A 112 -5.48 -1.87 -26.76
N SER A 113 -4.33 -1.47 -26.23
CA SER A 113 -3.02 -2.01 -26.68
C SER A 113 -2.67 -3.32 -25.97
N LEU A 114 -3.41 -3.66 -24.93
CA LEU A 114 -3.02 -4.77 -24.10
C LEU A 114 -3.51 -6.09 -24.69
N SER A 115 -2.74 -7.15 -24.44
CA SER A 115 -3.15 -8.52 -24.80
C SER A 115 -4.56 -8.79 -24.28
N ARG A 116 -5.33 -9.53 -25.09
CA ARG A 116 -6.76 -9.81 -24.84
C ARG A 116 -6.96 -10.52 -23.51
N SER A 117 -6.06 -11.46 -23.24
CA SER A 117 -6.13 -12.31 -22.06
C SER A 117 -4.72 -12.55 -21.51
N TYR A 118 -4.55 -12.32 -20.20
CA TYR A 118 -3.31 -12.68 -19.49
C TYR A 118 -3.54 -12.68 -17.98
N PHE A 119 -2.58 -13.22 -17.23
CA PHE A 119 -2.66 -13.19 -15.77
C PHE A 119 -2.28 -11.80 -15.27
N LYS A 120 -3.30 -11.04 -14.84
CA LYS A 120 -3.14 -9.62 -14.50
C LYS A 120 -2.37 -9.41 -13.20
N ASP A 121 -2.21 -10.48 -12.43
CA ASP A 121 -1.53 -10.45 -11.13
C ASP A 121 -0.07 -10.93 -11.19
N ARG A 122 0.45 -11.19 -12.40
CA ARG A 122 1.85 -11.60 -12.57
C ARG A 122 2.83 -10.52 -12.08
N ALA A 123 4.03 -10.95 -11.73
CA ALA A 123 5.11 -10.04 -11.40
C ALA A 123 5.74 -9.50 -12.69
N HIS A 124 6.39 -8.34 -12.60
CA HIS A 124 7.17 -7.77 -13.67
C HIS A 124 6.33 -7.31 -14.88
N ILE A 125 5.07 -6.93 -14.62
CA ILE A 125 4.25 -6.33 -15.70
C ILE A 125 3.85 -4.90 -15.37
N GLN A 126 4.68 -4.24 -14.57
CA GLN A 126 4.34 -2.90 -14.06
C GLN A 126 4.87 -1.76 -14.90
N SER A 127 5.88 -2.03 -15.73
CA SER A 127 6.68 -0.94 -16.34
C SER A 127 6.35 -0.74 -17.79
N LEU A 128 6.84 0.38 -18.33
CA LEU A 128 6.64 0.58 -19.77
C LEU A 128 7.43 -0.44 -20.64
N PHE A 129 8.48 -1.04 -20.08
CA PHE A 129 9.17 -2.14 -20.78
C PHE A 129 8.21 -3.31 -21.04
N SER A 130 7.38 -3.65 -20.03
CA SER A 130 6.42 -4.74 -20.15
C SER A 130 5.34 -4.35 -21.16
N PHE A 131 4.91 -3.09 -21.09
CA PHE A 131 3.90 -2.63 -22.06
C PHE A 131 4.33 -2.76 -23.51
N ILE A 132 5.55 -2.33 -23.79
CA ILE A 132 6.09 -2.37 -25.19
C ILE A 132 6.45 -3.81 -25.63
N THR A 133 7.19 -4.53 -24.80
CA THR A 133 7.71 -5.85 -25.25
C THR A 133 6.72 -7.01 -25.07
N GLY A 134 5.79 -6.87 -24.12
CA GLY A 134 4.84 -7.96 -23.84
C GLY A 134 3.36 -7.60 -23.97
N THR A 135 3.06 -6.35 -24.27
CA THR A 135 1.69 -5.84 -24.31
C THR A 135 0.85 -6.18 -23.08
N LYS A 136 1.51 -6.08 -21.93
CA LYS A 136 0.92 -6.47 -20.64
C LYS A 136 1.24 -5.42 -19.56
N LEU A 137 0.19 -5.04 -18.81
CA LEU A 137 0.33 -4.16 -17.62
C LEU A 137 -0.58 -4.66 -16.53
N ASP A 138 -0.15 -4.54 -15.29
CA ASP A 138 -1.03 -4.69 -14.15
C ASP A 138 -1.88 -3.44 -13.94
N SER A 139 -2.82 -3.52 -13.00
CA SER A 139 -3.81 -2.44 -12.88
CA SER A 139 -3.81 -2.43 -12.83
C SER A 139 -3.20 -1.05 -12.65
N SER A 140 -2.31 -0.92 -11.65
CA SER A 140 -1.75 0.43 -11.42
C SER A 140 -0.75 0.76 -12.52
N GLY A 141 -0.20 -0.28 -13.17
CA GLY A 141 0.72 -0.03 -14.32
C GLY A 141 0.00 0.71 -15.44
N VAL A 142 -1.28 0.40 -15.65
CA VAL A 142 -2.07 1.11 -16.68
C VAL A 142 -2.19 2.60 -16.28
N ALA A 143 -2.50 2.90 -15.03
CA ALA A 143 -2.59 4.30 -14.63
C ALA A 143 -1.30 5.02 -14.81
N PHE A 144 -0.19 4.38 -14.42
CA PHE A 144 1.12 5.00 -14.62
C PHE A 144 1.41 5.28 -16.11
N ALA A 145 1.10 4.30 -16.95
CA ALA A 145 1.31 4.44 -18.41
C ALA A 145 0.47 5.55 -19.00
N VAL A 146 -0.76 5.76 -18.49
CA VAL A 146 -1.56 6.93 -18.94
C VAL A 146 -0.85 8.24 -18.58
N VAL A 147 -0.30 8.33 -17.37
CA VAL A 147 0.41 9.54 -16.94
C VAL A 147 1.69 9.75 -17.77
N GLY A 148 2.40 8.65 -18.07
CA GLY A 148 3.65 8.75 -18.91
C GLY A 148 3.30 9.20 -20.31
N ALA A 149 2.25 8.62 -20.83
CA ALA A 149 1.75 8.99 -22.19
C ALA A 149 1.36 10.48 -22.20
N CYS A 150 0.62 10.94 -21.18
CA CYS A 150 0.22 12.36 -21.16
C CYS A 150 1.44 13.26 -21.08
N GLN A 151 2.43 12.88 -20.29
CA GLN A 151 3.65 13.71 -20.25
C GLN A 151 4.33 13.74 -21.63
N ALA A 152 4.37 12.62 -22.32
CA ALA A 152 4.98 12.53 -23.68
C ALA A 152 4.26 13.47 -24.64
N LEU A 153 2.94 13.59 -24.45
CA LEU A 153 2.09 14.49 -25.26
C LEU A 153 2.15 15.96 -24.85
N GLY A 154 2.90 16.30 -23.78
CA GLY A 154 3.00 17.69 -23.29
C GLY A 154 1.88 18.15 -22.36
N LEU A 155 1.14 17.19 -21.80
CA LEU A 155 0.01 17.51 -20.91
C LEU A 155 0.45 17.58 -19.45
N ARG A 156 1.02 18.72 -19.08
CA ARG A 156 1.73 18.87 -17.79
C ARG A 156 0.79 18.77 -16.59
N ASP A 157 -0.54 18.86 -16.81
CA ASP A 157 -1.50 18.90 -15.72
C ASP A 157 -1.95 17.48 -15.30
N VAL A 158 -1.70 16.46 -16.12
CA VAL A 158 -2.21 15.09 -15.81
C VAL A 158 -1.26 14.42 -14.79
N HIS A 159 -1.75 14.00 -13.64
CA HIS A 159 -0.87 13.45 -12.58
C HIS A 159 -1.51 12.21 -12.00
N LEU A 160 -0.66 11.36 -11.47
CA LEU A 160 -1.10 10.09 -10.87
C LEU A 160 -1.70 10.37 -9.47
N ALA A 161 -2.87 9.75 -9.24
CA ALA A 161 -3.53 9.79 -7.91
C ALA A 161 -3.46 8.35 -7.35
N LEU A 162 -3.12 8.24 -6.07
CA LEU A 162 -2.90 6.91 -5.44
C LEU A 162 -3.63 6.84 -4.12
N SER A 163 -4.38 5.78 -3.95
CA SER A 163 -4.81 5.39 -2.61
C SER A 163 -3.93 4.20 -2.16
N GLU A 164 -4.34 3.53 -1.07
CA GLU A 164 -3.58 2.40 -0.58
C GLU A 164 -3.84 1.13 -1.40
N ASP A 165 -4.90 1.13 -2.23
CA ASP A 165 -5.20 -0.06 -3.05
C ASP A 165 -5.64 0.25 -4.45
N HIS A 166 -5.42 1.49 -4.91
CA HIS A 166 -5.95 1.80 -6.26
C HIS A 166 -5.21 3.03 -6.81
N ALA A 167 -5.37 3.28 -8.09
CA ALA A 167 -4.73 4.38 -8.76
C ALA A 167 -5.65 4.97 -9.83
N TRP A 168 -5.51 6.27 -10.02
CA TRP A 168 -6.26 6.96 -11.04
C TRP A 168 -5.51 8.25 -11.37
N VAL A 169 -6.08 9.13 -12.20
CA VAL A 169 -5.46 10.42 -12.41
C VAL A 169 -6.21 11.67 -11.97
N VAL A 170 -5.43 12.72 -11.76
CA VAL A 170 -6.00 14.07 -11.56
C VAL A 170 -5.57 14.94 -12.72
N PHE A 171 -6.35 15.98 -13.03
CA PHE A 171 -6.01 16.81 -14.22
C PHE A 171 -6.91 18.04 -14.20
N GLY A 172 -6.75 18.91 -15.20
CA GLY A 172 -7.71 19.97 -15.43
C GLY A 172 -7.41 21.24 -14.65
N PRO A 173 -8.37 22.21 -14.63
CA PRO A 173 -8.25 23.46 -13.91
C PRO A 173 -7.85 23.21 -12.46
N ASN A 174 -6.73 23.79 -12.05
CA ASN A 174 -6.16 23.62 -10.68
C ASN A 174 -5.88 22.18 -10.30
N GLY A 175 -5.82 21.28 -11.28
CA GLY A 175 -5.64 19.85 -11.01
C GLY A 175 -6.78 19.27 -10.17
N GLU A 176 -7.98 19.86 -10.29
CA GLU A 176 -9.10 19.47 -9.39
C GLU A 176 -9.99 18.36 -9.92
N GLN A 177 -9.86 18.03 -11.19
CA GLN A 177 -10.66 16.93 -11.76
C GLN A 177 -10.04 15.56 -11.43
N THR A 178 -10.89 14.56 -11.29
CA THR A 178 -10.41 13.16 -11.16
C THR A 178 -10.99 12.31 -12.28
N ALA A 179 -10.23 11.32 -12.74
CA ALA A 179 -10.75 10.34 -13.70
C ALA A 179 -10.19 8.98 -13.44
N GLU A 180 -11.07 7.98 -13.41
CA GLU A 180 -10.67 6.59 -13.48
C GLU A 180 -10.02 6.30 -14.82
N VAL A 181 -8.90 5.57 -14.78
CA VAL A 181 -8.25 5.18 -16.05
C VAL A 181 -7.90 3.71 -16.13
N THR A 182 -8.08 2.94 -15.06
CA THR A 182 -7.77 1.53 -15.04
C THR A 182 -8.84 0.78 -14.24
N TRP A 183 -8.68 -0.52 -14.15
CA TRP A 183 -9.60 -1.34 -13.40
C TRP A 183 -9.16 -1.46 -11.92
N HIS A 184 -10.09 -1.95 -11.09
CA HIS A 184 -9.75 -2.25 -9.72
C HIS A 184 -10.23 -3.63 -9.38
N GLY A 185 -9.31 -4.44 -8.86
CA GLY A 185 -9.64 -5.78 -8.35
C GLY A 185 -10.03 -6.70 -9.48
N LYS A 186 -10.96 -7.60 -9.19
CA LYS A 186 -11.28 -8.70 -10.09
C LYS A 186 -12.79 -8.84 -10.10
N GLY A 187 -13.37 -8.76 -11.29
CA GLY A 187 -14.81 -8.94 -11.42
C GLY A 187 -15.58 -7.66 -11.23
N ASN A 188 -14.98 -6.67 -10.58
CA ASN A 188 -15.57 -5.33 -10.48
C ASN A 188 -15.77 -4.73 -11.88
N GLU A 189 -16.88 -4.01 -12.07
CA GLU A 189 -17.18 -3.39 -13.37
C GLU A 189 -16.37 -2.12 -13.41
N ASP A 190 -15.71 -1.86 -14.53
CA ASP A 190 -14.85 -0.67 -14.60
C ASP A 190 -15.62 0.62 -14.71
N ARG A 191 -14.99 1.72 -14.28
CA ARG A 191 -15.65 3.02 -14.24
C ARG A 191 -14.75 4.04 -14.93
N ARG A 192 -13.94 3.57 -15.89
CA ARG A 192 -12.97 4.42 -16.60
C ARG A 192 -13.71 5.64 -17.15
N GLY A 193 -13.09 6.81 -16.99
CA GLY A 193 -13.71 8.03 -17.48
C GLY A 193 -14.48 8.78 -16.43
N GLN A 194 -14.96 8.09 -15.39
CA GLN A 194 -15.74 8.77 -14.32
C GLN A 194 -14.87 9.37 -13.21
N THR A 195 -15.49 10.20 -12.35
CA THR A 195 -14.78 10.76 -11.17
C THR A 195 -14.72 9.70 -10.11
N VAL A 196 -13.97 10.02 -9.06
CA VAL A 196 -13.96 9.20 -7.86
C VAL A 196 -14.88 9.75 -6.78
N ASN A 197 -15.73 10.74 -7.10
CA ASN A 197 -16.59 11.33 -6.07
C ASN A 197 -17.53 10.45 -5.29
N ALA A 198 -18.18 9.49 -5.97
CA ALA A 198 -19.09 8.60 -5.26
C ALA A 198 -18.31 7.76 -4.24
N GLY A 199 -17.12 7.33 -4.62
CA GLY A 199 -16.30 6.54 -3.61
C GLY A 199 -15.79 7.38 -2.43
N VAL A 200 -15.44 8.64 -2.68
CA VAL A 200 -15.06 9.57 -1.60
C VAL A 200 -16.30 9.80 -0.71
N ALA A 201 -17.46 10.08 -1.33
CA ALA A 201 -18.67 10.36 -0.59
C ALA A 201 -19.12 9.17 0.28
N GLU A 202 -18.89 7.95 -0.17
CA GLU A 202 -19.35 6.80 0.64
C GLU A 202 -18.37 6.40 1.75
N ARG A 203 -17.27 7.14 1.87
CA ARG A 203 -16.32 6.93 2.98
C ARG A 203 -15.67 5.54 2.98
N SER A 204 -15.43 4.98 1.81
CA SER A 204 -14.72 3.71 1.66
C SER A 204 -13.24 3.86 1.92
N TRP A 205 -12.57 2.78 2.36
CA TRP A 205 -11.12 2.83 2.42
C TRP A 205 -10.49 3.04 1.03
N LEU A 206 -11.12 2.50 -0.02
CA LEU A 206 -10.50 2.55 -1.35
C LEU A 206 -10.17 3.98 -1.76
N TYR A 207 -11.03 4.93 -1.38
CA TYR A 207 -10.77 6.34 -1.76
C TYR A 207 -10.29 7.26 -0.65
N LEU A 208 -10.05 6.66 0.53
CA LEU A 208 -9.43 7.31 1.69
C LEU A 208 -10.13 8.61 2.13
N LYS A 209 -11.45 8.68 1.92
CA LYS A 209 -12.24 9.85 2.32
C LYS A 209 -11.69 11.13 1.65
N GLY A 210 -11.07 10.93 0.50
CA GLY A 210 -10.45 12.05 -0.18
C GLY A 210 -9.01 12.39 0.21
N SER A 211 -8.48 11.70 1.23
CA SER A 211 -7.10 11.94 1.69
C SER A 211 -6.09 11.04 0.94
N TYR A 212 -6.32 10.86 -0.37
CA TYR A 212 -5.44 10.05 -1.23
C TYR A 212 -4.25 10.94 -1.71
N MET A 213 -3.24 10.33 -2.31
CA MET A 213 -2.03 11.09 -2.75
C MET A 213 -2.32 11.68 -4.17
N ARG A 214 -2.02 12.99 -4.33
CA ARG A 214 -2.00 13.66 -5.65
C ARG A 214 -0.54 13.89 -5.95
N CYS A 215 0.01 13.06 -6.84
CA CYS A 215 1.44 13.09 -7.11
C CYS A 215 1.84 14.32 -7.91
N ASP A 216 3.02 14.85 -7.60
CA ASP A 216 3.71 15.65 -8.62
C ASP A 216 4.66 14.70 -9.41
N ARG A 217 5.44 15.23 -10.37
CA ARG A 217 6.25 14.36 -11.20
C ARG A 217 7.29 13.63 -10.37
N LYS A 218 7.79 14.26 -9.31
CA LYS A 218 8.82 13.59 -8.53
C LYS A 218 8.24 12.40 -7.74
N MET A 219 7.02 12.57 -7.26
CA MET A 219 6.32 11.47 -6.57
C MET A 219 5.98 10.36 -7.56
N GLU A 220 5.76 10.71 -8.83
CA GLU A 220 5.57 9.68 -9.85
C GLU A 220 6.83 8.87 -10.09
N VAL A 221 8.01 9.52 -10.01
CA VAL A 221 9.27 8.80 -9.98
C VAL A 221 9.35 7.89 -8.77
N ALA A 222 8.93 8.40 -7.60
CA ALA A 222 8.99 7.56 -6.40
C ALA A 222 8.05 6.34 -6.58
N PHE A 223 6.92 6.53 -7.26
CA PHE A 223 5.99 5.41 -7.45
C PHE A 223 6.64 4.31 -8.30
N MET A 224 7.28 4.68 -9.42
CA MET A 224 7.93 3.63 -10.26
C MET A 224 9.08 2.92 -9.54
N VAL A 225 9.75 3.63 -8.63
CA VAL A 225 10.79 3.01 -7.87
C VAL A 225 10.18 2.04 -6.85
N CYS A 226 9.10 2.44 -6.15
CA CYS A 226 8.38 1.49 -5.26
C CYS A 226 7.91 0.26 -6.04
N ALA A 227 7.57 0.52 -7.30
CA ALA A 227 7.04 -0.56 -8.21
C ALA A 227 8.08 -1.58 -8.66
N ILE A 228 9.39 -1.31 -8.43
CA ILE A 228 10.40 -2.31 -8.81
C ILE A 228 10.08 -3.59 -8.01
N ASN A 229 10.20 -4.72 -8.69
CA ASN A 229 9.92 -6.03 -8.09
C ASN A 229 11.13 -6.94 -8.20
N PRO A 230 11.89 -7.01 -7.10
CA PRO A 230 13.11 -7.82 -7.10
C PRO A 230 12.91 -9.31 -7.11
N SER A 231 11.67 -9.78 -7.02
CA SER A 231 11.44 -11.21 -6.87
CA SER A 231 11.40 -11.22 -6.88
C SER A 231 11.82 -12.00 -8.13
N ILE A 232 12.64 -13.04 -7.95
CA ILE A 232 12.97 -13.91 -9.08
C ILE A 232 11.99 -15.07 -9.08
N ASP A 233 11.77 -15.65 -7.90
CA ASP A 233 10.72 -16.67 -7.69
C ASP A 233 10.26 -16.63 -6.24
N LEU A 234 9.47 -17.63 -5.80
CA LEU A 234 8.92 -17.60 -4.43
C LEU A 234 9.99 -17.59 -3.32
N HIS A 235 11.14 -18.19 -3.60
CA HIS A 235 12.23 -18.29 -2.61
C HIS A 235 13.40 -17.33 -2.80
N THR A 236 13.40 -16.52 -3.87
CA THR A 236 14.63 -15.89 -4.30
C THR A 236 14.43 -14.44 -4.77
N ASP A 237 15.12 -13.48 -4.17
CA ASP A 237 15.09 -12.10 -4.71
C ASP A 237 16.40 -11.78 -5.38
N SER A 238 16.36 -10.88 -6.35
CA SER A 238 17.58 -10.35 -6.96
C SER A 238 18.24 -9.34 -5.98
N LEU A 239 19.46 -9.65 -5.52
CA LEU A 239 20.19 -8.72 -4.67
C LEU A 239 20.47 -7.41 -5.42
N GLU A 240 20.64 -7.50 -6.75
CA GLU A 240 20.99 -6.34 -7.57
C GLU A 240 19.79 -5.40 -7.57
N LEU A 241 18.59 -5.97 -7.77
CA LEU A 241 17.37 -5.13 -7.77
C LEU A 241 17.02 -4.58 -6.40
N LEU A 242 17.22 -5.37 -5.33
CA LEU A 242 17.08 -4.82 -3.99
C LEU A 242 18.00 -3.61 -3.74
N GLN A 243 19.28 -3.75 -4.12
CA GLN A 243 20.27 -2.65 -3.96
C GLN A 243 19.85 -1.45 -4.77
N LEU A 244 19.43 -1.69 -6.01
CA LEU A 244 19.00 -0.56 -6.85
C LEU A 244 17.78 0.20 -6.29
N GLN A 245 16.76 -0.56 -5.91
CA GLN A 245 15.55 0.02 -5.31
C GLN A 245 15.89 0.84 -4.04
N GLN A 246 16.77 0.30 -3.19
CA GLN A 246 17.14 0.90 -1.92
C GLN A 246 17.90 2.21 -2.20
N LYS A 247 18.88 2.15 -3.11
CA LYS A 247 19.61 3.36 -3.52
C LYS A 247 18.77 4.46 -4.12
N LEU A 248 17.79 4.07 -4.95
CA LEU A 248 16.94 5.06 -5.55
C LEU A 248 15.97 5.62 -4.52
N LEU A 249 15.44 4.78 -3.62
CA LEU A 249 14.67 5.34 -2.51
C LEU A 249 15.45 6.33 -1.65
N TRP A 250 16.73 6.03 -1.34
CA TRP A 250 17.52 7.03 -0.59
C TRP A 250 17.75 8.35 -1.35
N LEU A 251 17.97 8.24 -2.67
CA LEU A 251 18.12 9.42 -3.50
C LEU A 251 16.88 10.29 -3.37
N LEU A 252 15.72 9.68 -3.62
CA LEU A 252 14.47 10.38 -3.47
C LEU A 252 14.27 10.97 -2.07
N TYR A 253 14.59 10.20 -1.03
CA TYR A 253 14.51 10.67 0.38
C TYR A 253 15.34 11.95 0.61
N ASP A 254 16.58 11.88 0.13
CA ASP A 254 17.53 13.00 0.30
C ASP A 254 17.07 14.26 -0.42
N LEU A 255 16.35 14.12 -1.52
CA LEU A 255 15.89 15.25 -2.32
C LEU A 255 14.54 15.81 -1.83
N GLY A 256 13.94 15.13 -0.84
CA GLY A 256 12.72 15.60 -0.28
C GLY A 256 11.46 14.99 -0.91
N HIS A 257 11.60 14.05 -1.84
CA HIS A 257 10.46 13.58 -2.62
C HIS A 257 9.70 12.43 -1.97
N LEU A 258 10.15 11.95 -0.82
CA LEU A 258 9.32 11.00 -0.03
C LEU A 258 8.52 11.66 1.11
N GLU A 259 8.60 12.98 1.23
CA GLU A 259 7.99 13.74 2.34
C GLU A 259 6.49 13.43 2.48
N ARG A 260 5.82 13.30 1.35
CA ARG A 260 4.36 13.12 1.32
C ARG A 260 4.04 11.69 0.81
N TYR A 261 4.91 10.72 1.07
CA TYR A 261 4.72 9.38 0.51
C TYR A 261 4.95 8.33 1.62
N PRO A 262 3.97 8.19 2.54
CA PRO A 262 4.12 7.18 3.63
C PRO A 262 4.49 5.79 3.14
N MET A 263 3.82 5.26 2.08
CA MET A 263 4.17 3.87 1.69
C MET A 263 5.60 3.68 1.22
N ALA A 264 6.15 4.71 0.57
CA ALA A 264 7.54 4.67 0.14
C ALA A 264 8.50 4.65 1.33
N LEU A 265 8.15 5.40 2.39
CA LEU A 265 8.97 5.36 3.63
C LEU A 265 8.89 3.98 4.29
N GLY A 266 7.71 3.36 4.28
CA GLY A 266 7.64 1.98 4.85
C GLY A 266 8.38 0.98 4.00
N ASN A 267 8.29 1.09 2.66
CA ASN A 267 9.05 0.22 1.77
CA ASN A 267 9.07 0.24 1.74
C ASN A 267 10.57 0.36 2.02
N LEU A 268 11.06 1.59 2.17
CA LEU A 268 12.49 1.84 2.49
C LEU A 268 12.89 1.25 3.85
N ALA A 269 12.01 1.40 4.84
CA ALA A 269 12.31 0.88 6.19
C ALA A 269 12.41 -0.65 6.06
N ASP A 270 11.49 -1.27 5.29
CA ASP A 270 11.52 -2.73 5.10
C ASP A 270 12.87 -3.18 4.47
N LEU A 271 13.36 -2.38 3.52
CA LEU A 271 14.59 -2.71 2.81
C LEU A 271 15.77 -2.56 3.76
N GLU A 272 15.73 -1.54 4.62
CA GLU A 272 16.79 -1.29 5.60
C GLU A 272 16.81 -2.39 6.66
N GLU A 273 15.65 -2.93 6.99
CA GLU A 273 15.60 -4.07 7.94
C GLU A 273 16.35 -5.25 7.36
N LEU A 274 16.18 -5.46 6.07
CA LEU A 274 16.78 -6.63 5.39
C LEU A 274 18.30 -6.44 5.28
N GLU A 275 18.72 -5.22 4.97
CA GLU A 275 20.13 -4.94 4.74
C GLU A 275 20.42 -3.47 5.03
N PRO A 276 20.85 -3.14 6.27
CA PRO A 276 20.89 -1.72 6.62
C PRO A 276 22.04 -1.01 5.91
N THR A 277 21.81 0.24 5.57
CA THR A 277 22.82 1.11 4.97
C THR A 277 23.57 1.84 6.09
N PRO A 278 24.91 1.69 6.17
CA PRO A 278 25.63 2.43 7.23
C PRO A 278 25.39 3.94 7.15
N GLY A 279 25.13 4.53 8.31
CA GLY A 279 24.96 5.95 8.45
C GLY A 279 23.56 6.45 8.25
N ARG A 280 22.62 5.52 8.06
CA ARG A 280 21.24 5.91 7.76
C ARG A 280 20.31 5.68 8.97
N PRO A 281 19.16 6.37 9.00
CA PRO A 281 18.14 6.12 10.02
C PRO A 281 17.79 4.63 10.11
N ASP A 282 17.50 4.16 11.34
CA ASP A 282 16.98 2.83 11.61
C ASP A 282 15.60 2.60 10.96
N PRO A 283 15.24 1.34 10.69
CA PRO A 283 13.89 1.08 10.22
C PRO A 283 12.83 1.72 11.11
N LEU A 284 12.92 1.58 12.44
CA LEU A 284 11.94 2.23 13.32
C LEU A 284 11.75 3.72 13.07
N THR A 285 12.86 4.47 12.92
CA THR A 285 12.76 5.87 12.63
C THR A 285 11.98 6.14 11.33
N LEU A 286 12.27 5.32 10.32
CA LEU A 286 11.61 5.44 9.01
C LEU A 286 10.12 5.07 9.12
N TYR A 287 9.76 4.03 9.89
CA TYR A 287 8.29 3.73 10.03
C TYR A 287 7.60 4.87 10.71
N HIS A 288 8.28 5.45 11.72
CA HIS A 288 7.71 6.61 12.38
C HIS A 288 7.60 7.87 11.50
N LYS A 289 8.55 8.08 10.58
CA LYS A 289 8.43 9.18 9.65
C LYS A 289 7.26 8.95 8.66
N GLY A 290 7.03 7.67 8.33
CA GLY A 290 5.84 7.30 7.48
C GLY A 290 4.54 7.69 8.15
N ILE A 291 4.43 7.36 9.46
CA ILE A 291 3.25 7.74 10.25
C ILE A 291 3.13 9.27 10.35
N ALA A 292 4.27 9.95 10.62
CA ALA A 292 4.25 11.41 10.72
C ALA A 292 3.81 12.05 9.39
N SER A 293 4.24 11.47 8.27
CA SER A 293 3.82 11.97 6.93
C SER A 293 2.31 11.81 6.77
N ALA A 294 1.77 10.65 7.18
CA ALA A 294 0.33 10.43 7.06
C ALA A 294 -0.44 11.44 7.94
N LYS A 295 0.04 11.67 9.16
CA LYS A 295 -0.61 12.62 10.08
C LYS A 295 -0.57 14.06 9.53
N THR A 296 0.57 14.41 8.94
CA THR A 296 0.79 15.80 8.46
C THR A 296 0.04 16.13 7.17
N TYR A 297 0.06 15.21 6.22
CA TYR A 297 -0.49 15.49 4.87
C TYR A 297 -1.82 14.82 4.55
N TYR A 298 -2.18 13.76 5.29
CA TYR A 298 -3.36 12.99 4.94
C TYR A 298 -4.29 12.77 6.10
N ARG A 299 -4.28 13.71 7.07
CA ARG A 299 -5.29 13.70 8.17
C ARG A 299 -5.22 12.43 8.98
N ASP A 300 -4.08 11.74 8.97
CA ASP A 300 -3.98 10.43 9.69
C ASP A 300 -5.11 9.47 9.25
N GLU A 301 -5.42 9.46 7.95
CA GLU A 301 -6.46 8.59 7.37
CA GLU A 301 -6.45 8.56 7.43
C GLU A 301 -5.93 7.35 6.64
N HIS A 302 -4.62 7.07 6.75
CA HIS A 302 -4.01 5.95 6.08
C HIS A 302 -3.83 4.77 7.04
N ILE A 303 -4.10 3.57 6.54
CA ILE A 303 -3.97 2.35 7.39
C ILE A 303 -2.54 1.81 7.38
N TYR A 304 -1.87 1.82 6.22
CA TYR A 304 -0.62 1.10 6.12
C TYR A 304 0.55 1.65 6.95
N PRO A 305 0.58 2.96 7.27
CA PRO A 305 1.75 3.40 8.11
C PRO A 305 1.84 2.60 9.41
N TYR A 306 0.67 2.32 9.99
CA TYR A 306 0.66 1.52 11.23
C TYR A 306 0.88 0.06 10.94
N MET A 307 0.32 -0.48 9.84
CA MET A 307 0.59 -1.89 9.49
CA MET A 307 0.58 -1.90 9.53
C MET A 307 2.07 -2.20 9.26
N TYR A 308 2.80 -1.27 8.60
CA TYR A 308 4.23 -1.48 8.35
C TYR A 308 4.92 -1.54 9.72
N LEU A 309 4.57 -0.62 10.63
CA LEU A 309 5.21 -0.59 12.00
C LEU A 309 4.87 -1.89 12.74
N ALA A 310 3.59 -2.30 12.69
CA ALA A 310 3.23 -3.53 13.39
C ALA A 310 3.95 -4.77 12.86
N GLY A 311 4.13 -4.86 11.53
CA GLY A 311 4.80 -6.02 10.94
C GLY A 311 6.24 -6.10 11.41
N TYR A 312 6.88 -4.95 11.42
CA TYR A 312 8.28 -4.92 11.95
C TYR A 312 8.35 -5.42 13.40
N HIS A 313 7.49 -4.90 14.27
CA HIS A 313 7.47 -5.43 15.66
C HIS A 313 7.09 -6.89 15.77
N CYS A 314 6.16 -7.33 14.96
CA CYS A 314 5.82 -8.75 14.87
C CYS A 314 7.03 -9.62 14.51
N ARG A 315 7.79 -9.20 13.50
CA ARG A 315 8.94 -10.03 13.06
C ARG A 315 10.02 -10.08 14.12
N ASN A 316 10.11 -9.03 14.90
CA ASN A 316 11.12 -8.89 15.97
C ASN A 316 10.56 -9.39 17.31
N ARG A 317 9.36 -9.97 17.29
CA ARG A 317 8.65 -10.38 18.55
C ARG A 317 8.63 -9.34 19.67
N ASN A 318 8.41 -8.08 19.30
CA ASN A 318 8.08 -7.04 20.21
C ASN A 318 6.52 -7.13 20.30
N VAL A 319 5.98 -8.10 21.05
CA VAL A 319 4.49 -8.26 21.09
C VAL A 319 3.72 -7.00 21.54
N ARG A 320 4.16 -6.39 22.64
CA ARG A 320 3.58 -5.15 23.13
C ARG A 320 3.44 -4.08 22.03
N GLU A 321 4.57 -3.81 21.35
CA GLU A 321 4.56 -2.79 20.33
C GLU A 321 3.81 -3.19 19.07
N ALA A 322 3.79 -4.50 18.76
CA ALA A 322 2.99 -5.01 17.59
C ALA A 322 1.52 -4.82 17.92
N LEU A 323 1.08 -5.23 19.11
CA LEU A 323 -0.29 -4.97 19.50
C LEU A 323 -0.69 -3.49 19.49
N GLN A 324 0.20 -2.61 19.96
CA GLN A 324 -0.11 -1.22 19.98
C GLN A 324 -0.31 -0.71 18.54
N ALA A 325 0.56 -1.14 17.62
CA ALA A 325 0.50 -0.64 16.26
C ALA A 325 -0.75 -1.19 15.53
N TRP A 326 -1.11 -2.45 15.80
CA TRP A 326 -2.40 -2.92 15.23
C TRP A 326 -3.60 -2.24 15.82
N ALA A 327 -3.57 -1.93 17.13
CA ALA A 327 -4.65 -1.15 17.72
C ALA A 327 -4.75 0.20 17.02
N ASP A 328 -3.58 0.79 16.71
CA ASP A 328 -3.56 2.08 15.98
C ASP A 328 -4.12 1.93 14.57
N THR A 329 -3.90 0.80 13.93
CA THR A 329 -4.50 0.60 12.63
CA THR A 329 -4.49 0.58 12.65
C THR A 329 -6.01 0.55 12.76
N ALA A 330 -6.49 -0.13 13.77
CA ALA A 330 -7.94 -0.16 13.96
C ALA A 330 -8.56 1.18 14.32
N THR A 331 -7.79 2.03 15.00
CA THR A 331 -8.24 3.35 15.36
C THR A 331 -8.42 4.24 14.10
N VAL A 332 -7.60 3.99 13.07
CA VAL A 332 -7.86 4.62 11.77
C VAL A 332 -9.09 4.05 11.07
N ILE A 333 -9.19 2.73 11.02
CA ILE A 333 -10.24 2.10 10.20
C ILE A 333 -11.64 2.39 10.77
N GLN A 334 -11.72 2.65 12.06
CA GLN A 334 -13.04 2.82 12.74
C GLN A 334 -13.87 3.95 12.11
N ASP A 335 -13.20 4.94 11.50
CA ASP A 335 -13.93 6.09 10.92
C ASP A 335 -14.21 5.94 9.44
N TYR A 336 -14.12 4.72 8.94
CA TYR A 336 -14.46 4.38 7.55
C TYR A 336 -15.73 3.56 7.54
N ASN A 337 -16.37 3.49 6.37
CA ASN A 337 -17.44 2.52 6.13
C ASN A 337 -16.87 1.42 5.28
N TYR A 338 -17.15 0.16 5.66
CA TYR A 338 -16.65 -0.96 4.91
C TYR A 338 -17.51 -1.16 3.67
N CYS A 339 -16.94 -0.88 2.50
CA CYS A 339 -17.69 -0.86 1.25
C CYS A 339 -17.23 -1.96 0.31
N ARG A 340 -18.05 -2.23 -0.72
CA ARG A 340 -17.69 -3.20 -1.73
C ARG A 340 -16.43 -2.51 -2.27
N GLU A 341 -15.47 -3.34 -2.61
CA GLU A 341 -14.14 -3.00 -3.15
C GLU A 341 -13.08 -2.71 -2.12
N ASP A 342 -13.44 -2.74 -0.82
CA ASP A 342 -12.47 -2.64 0.26
C ASP A 342 -11.97 -4.03 0.72
N GLU A 343 -12.23 -5.08 -0.05
CA GLU A 343 -11.93 -6.46 0.45
C GLU A 343 -10.48 -6.69 0.85
N GLU A 344 -9.52 -6.01 0.24
CA GLU A 344 -8.12 -6.26 0.59
CA GLU A 344 -8.11 -6.23 0.59
C GLU A 344 -7.82 -5.89 2.05
N ILE A 345 -8.39 -4.79 2.54
CA ILE A 345 -8.12 -4.40 3.95
C ILE A 345 -8.89 -5.27 4.93
N TYR A 346 -10.09 -5.75 4.54
CA TYR A 346 -10.81 -6.77 5.34
C TYR A 346 -9.92 -8.00 5.45
N LYS A 347 -9.32 -8.46 4.35
CA LYS A 347 -8.49 -9.68 4.37
C LYS A 347 -7.32 -9.48 5.30
N GLU A 348 -6.73 -8.28 5.29
CA GLU A 348 -5.60 -8.02 6.19
C GLU A 348 -5.99 -8.00 7.66
N PHE A 349 -7.10 -7.33 8.00
CA PHE A 349 -7.55 -7.34 9.39
C PHE A 349 -7.93 -8.76 9.82
N PHE A 350 -8.58 -9.51 8.93
CA PHE A 350 -8.92 -10.92 9.26
C PHE A 350 -7.63 -11.76 9.60
N GLU A 351 -6.60 -11.63 8.76
CA GLU A 351 -5.37 -12.42 8.96
C GLU A 351 -4.72 -11.96 10.27
N VAL A 352 -4.76 -10.65 10.58
CA VAL A 352 -4.13 -10.19 11.83
C VAL A 352 -4.85 -10.77 13.06
N ALA A 353 -6.18 -10.66 13.05
CA ALA A 353 -7.03 -11.08 14.18
C ALA A 353 -7.04 -12.58 14.32
N ASN A 354 -7.06 -13.29 13.19
CA ASN A 354 -7.43 -14.72 13.21
C ASN A 354 -6.29 -15.67 12.93
N ASP A 355 -5.13 -15.10 12.64
CA ASP A 355 -3.91 -15.89 12.42
C ASP A 355 -2.68 -15.33 13.10
N VAL A 356 -2.34 -14.06 12.85
CA VAL A 356 -1.07 -13.49 13.36
C VAL A 356 -1.09 -13.29 14.86
N ILE A 357 -2.10 -12.60 15.38
CA ILE A 357 -2.21 -12.38 16.84
C ILE A 357 -2.28 -13.74 17.59
N PRO A 358 -3.12 -14.67 17.12
CA PRO A 358 -3.13 -15.97 17.82
C PRO A 358 -1.78 -16.69 17.87
N ASN A 359 -1.03 -16.61 16.77
CA ASN A 359 0.27 -17.27 16.76
C ASN A 359 1.25 -16.59 17.71
N LEU A 360 1.25 -15.25 17.71
CA LEU A 360 2.11 -14.50 18.66
C LEU A 360 1.75 -14.84 20.10
N LEU A 361 0.46 -14.90 20.43
CA LEU A 361 0.11 -15.11 21.81
C LEU A 361 0.33 -16.55 22.23
N LYS A 362 0.18 -17.48 21.28
CA LYS A 362 0.52 -18.92 21.56
C LYS A 362 1.98 -19.08 21.95
N GLU A 363 2.87 -18.45 21.17
CA GLU A 363 4.30 -18.45 21.51
C GLU A 363 4.55 -17.74 22.86
N ALA A 364 3.90 -16.58 23.04
CA ALA A 364 4.04 -15.89 24.35
C ALA A 364 3.63 -16.75 25.52
N ALA A 365 2.58 -17.55 25.35
CA ALA A 365 2.10 -18.44 26.42
C ALA A 365 3.16 -19.51 26.72
N SER A 366 3.76 -20.07 25.67
CA SER A 366 4.82 -21.08 25.86
C SER A 366 5.99 -20.46 26.60
N LEU A 367 6.36 -19.23 26.23
CA LEU A 367 7.53 -18.60 26.85
C LEU A 367 7.23 -18.20 28.30
N LEU A 368 5.97 -17.86 28.59
CA LEU A 368 5.58 -17.54 29.98
C LEU A 368 5.67 -18.81 30.83
N GLU A 369 5.27 -19.94 30.27
CA GLU A 369 5.41 -21.24 30.96
C GLU A 369 6.89 -21.51 31.29
N ALA A 370 7.77 -21.00 30.44
CA ALA A 370 9.17 -21.20 30.65
C ALA A 370 9.81 -20.12 31.50
N GLY A 371 9.03 -19.25 32.07
CA GLY A 371 9.58 -18.29 32.99
C GLY A 371 9.89 -16.90 32.49
N SER A 372 9.38 -16.50 31.35
CA SER A 372 9.66 -15.15 30.92
C SER A 372 9.18 -14.05 31.88
N GLN A 373 9.91 -12.93 31.90
CA GLN A 373 9.55 -11.73 32.65
C GLN A 373 9.20 -10.66 31.66
N GLY A 374 8.34 -9.73 32.09
CA GLY A 374 7.92 -8.63 31.24
C GLY A 374 7.07 -9.10 30.07
N SER A 375 6.56 -10.34 30.15
CA SER A 375 5.69 -10.94 29.10
C SER A 375 4.49 -10.04 28.74
N ALA A 376 4.19 -9.88 27.45
CA ALA A 376 2.98 -9.17 27.05
C ALA A 376 1.75 -9.72 27.78
N LEU A 377 1.76 -11.02 28.10
CA LEU A 377 0.57 -11.67 28.66
C LEU A 377 0.33 -11.30 30.12
N GLN A 378 1.37 -10.76 30.77
CA GLN A 378 1.20 -10.24 32.11
C GLN A 378 1.10 -8.72 32.12
N ASP A 379 1.03 -8.08 30.94
CA ASP A 379 1.01 -6.65 30.90
C ASP A 379 -0.40 -6.15 30.58
N PRO A 380 -1.07 -5.49 31.55
CA PRO A 380 -2.45 -5.05 31.24
C PRO A 380 -2.53 -4.04 30.06
N GLU A 381 -1.47 -3.28 29.82
CA GLU A 381 -1.43 -2.34 28.68
C GLU A 381 -1.54 -3.16 27.35
N CYS A 382 -0.97 -4.38 27.31
CA CYS A 382 -1.08 -5.23 26.09
C CYS A 382 -2.52 -5.74 25.93
N PHE A 383 -3.14 -6.15 27.06
CA PHE A 383 -4.56 -6.51 26.99
C PHE A 383 -5.41 -5.33 26.47
N ALA A 384 -5.13 -4.13 26.96
CA ALA A 384 -5.83 -2.95 26.47
C ALA A 384 -5.64 -2.77 24.95
N HIS A 385 -4.42 -2.97 24.44
CA HIS A 385 -4.22 -2.85 22.98
C HIS A 385 -5.07 -3.84 22.20
N LEU A 386 -5.10 -5.10 22.68
CA LEU A 386 -5.94 -6.13 22.08
C LEU A 386 -7.41 -5.67 22.05
N LEU A 387 -7.89 -5.15 23.19
CA LEU A 387 -9.27 -4.64 23.23
C LEU A 387 -9.52 -3.46 22.27
N ARG A 388 -8.56 -2.55 22.17
CA ARG A 388 -8.72 -1.38 21.27
C ARG A 388 -8.73 -1.82 19.81
N PHE A 389 -7.97 -2.84 19.47
CA PHE A 389 -7.95 -3.37 18.11
C PHE A 389 -9.36 -3.87 17.81
N TYR A 390 -9.95 -4.68 18.69
CA TYR A 390 -11.30 -5.16 18.38
C TYR A 390 -12.33 -4.03 18.41
N ASP A 391 -12.17 -3.06 19.31
CA ASP A 391 -13.07 -1.93 19.34
C ASP A 391 -13.12 -1.18 17.98
N GLY A 392 -11.94 -0.97 17.39
CA GLY A 392 -11.91 -0.19 16.12
C GLY A 392 -12.58 -1.02 15.01
N ILE A 393 -12.39 -2.33 15.01
CA ILE A 393 -13.01 -3.19 14.00
C ILE A 393 -14.53 -3.17 14.18
N CYS A 394 -14.99 -3.25 15.42
CA CYS A 394 -16.43 -3.16 15.66
C CYS A 394 -17.00 -1.81 15.25
N LYS A 395 -16.27 -0.71 15.52
CA LYS A 395 -16.78 0.64 15.16
C LYS A 395 -16.78 0.82 13.63
N TRP A 396 -15.76 0.31 12.94
CA TRP A 396 -15.71 0.28 11.47
C TRP A 396 -17.03 -0.29 10.90
N GLU A 397 -17.45 -1.42 11.48
CA GLU A 397 -18.65 -2.14 11.01
C GLU A 397 -19.88 -1.26 11.18
N GLU A 398 -19.93 -0.41 12.20
CA GLU A 398 -21.16 0.43 12.44
C GLU A 398 -21.46 1.36 11.29
N GLY A 399 -22.68 1.30 10.78
CA GLY A 399 -23.04 2.16 9.66
C GLY A 399 -22.52 1.71 8.30
N SER A 400 -21.85 0.56 8.23
CA SER A 400 -21.27 0.11 6.96
C SER A 400 -22.36 -0.63 6.19
N PRO A 401 -22.25 -0.57 4.86
CA PRO A 401 -23.29 -1.19 4.02
C PRO A 401 -23.22 -2.71 4.00
N THR A 402 -22.10 -3.29 4.42
CA THR A 402 -21.97 -4.72 4.57
C THR A 402 -21.28 -4.96 5.92
N PRO A 403 -21.61 -6.07 6.59
CA PRO A 403 -20.99 -6.34 7.89
C PRO A 403 -19.55 -6.83 7.82
N VAL A 404 -18.90 -6.86 8.97
CA VAL A 404 -17.49 -7.25 9.09
C VAL A 404 -17.35 -8.54 9.91
N LEU A 405 -17.91 -8.53 11.11
CA LEU A 405 -17.74 -9.65 12.03
C LEU A 405 -18.69 -10.79 11.77
N HIS A 406 -18.22 -11.98 12.13
CA HIS A 406 -19.03 -13.18 12.08
C HIS A 406 -18.47 -14.19 13.09
N VAL A 407 -19.13 -15.34 13.23
CA VAL A 407 -18.73 -16.25 14.30
C VAL A 407 -17.27 -16.78 14.21
N GLY A 408 -16.72 -16.85 12.98
CA GLY A 408 -15.29 -17.23 12.77
C GLY A 408 -14.37 -16.31 13.57
N TRP A 409 -14.72 -15.03 13.57
CA TRP A 409 -13.92 -14.09 14.37
C TRP A 409 -14.07 -14.33 15.87
N ALA A 410 -15.28 -14.73 16.29
CA ALA A 410 -15.56 -14.90 17.72
C ALA A 410 -14.73 -15.99 18.34
N THR A 411 -14.49 -17.10 17.62
CA THR A 411 -13.67 -18.18 18.20
C THR A 411 -12.26 -17.73 18.57
N PHE A 412 -11.68 -16.95 17.68
CA PHE A 412 -10.34 -16.44 17.93
C PHE A 412 -10.29 -15.36 18.99
N LEU A 413 -11.32 -14.51 19.04
CA LEU A 413 -11.41 -13.53 20.13
C LEU A 413 -11.43 -14.20 21.51
N VAL A 414 -12.26 -15.22 21.67
CA VAL A 414 -12.31 -15.94 22.96
C VAL A 414 -10.94 -16.55 23.30
N GLN A 415 -10.28 -17.12 22.31
CA GLN A 415 -8.99 -17.76 22.54
C GLN A 415 -7.96 -16.71 22.96
N SER A 416 -7.96 -15.60 22.21
CA SER A 416 -7.00 -14.55 22.51
C SER A 416 -7.20 -13.91 23.91
N LEU A 417 -8.45 -13.59 24.27
CA LEU A 417 -8.78 -13.10 25.61
C LEU A 417 -8.26 -14.06 26.68
N GLY A 418 -8.52 -15.36 26.47
CA GLY A 418 -8.17 -16.43 27.44
C GLY A 418 -6.67 -16.57 27.66
N ARG A 419 -5.84 -16.06 26.75
CA ARG A 419 -4.37 -16.09 26.94
C ARG A 419 -3.91 -15.20 28.07
N PHE A 420 -4.75 -14.24 28.47
CA PHE A 420 -4.41 -13.34 29.58
C PHE A 420 -5.14 -13.81 30.83
N GLU A 421 -4.43 -14.00 31.94
CA GLU A 421 -5.08 -14.39 33.17
CA GLU A 421 -5.04 -14.38 33.21
C GLU A 421 -6.05 -13.33 33.64
N GLY A 422 -7.09 -13.76 34.35
CA GLY A 422 -8.08 -12.85 34.93
C GLY A 422 -7.46 -11.72 35.74
N GLN A 423 -6.40 -12.00 36.52
CA GLN A 423 -5.72 -10.99 37.31
C GLN A 423 -5.03 -9.90 36.50
N VAL A 424 -4.71 -10.23 35.25
CA VAL A 424 -4.17 -9.21 34.33
C VAL A 424 -5.33 -8.43 33.67
N ARG A 425 -6.34 -9.17 33.20
CA ARG A 425 -7.47 -8.51 32.55
C ARG A 425 -8.17 -7.51 33.45
N GLN A 426 -8.30 -7.87 34.75
CA GLN A 426 -8.95 -7.03 35.75
CA GLN A 426 -9.00 -7.02 35.72
C GLN A 426 -8.34 -5.63 35.88
N LYS A 427 -7.03 -5.50 35.58
CA LYS A 427 -6.33 -4.24 35.77
C LYS A 427 -6.64 -3.20 34.71
N VAL A 428 -7.29 -3.59 33.61
CA VAL A 428 -7.62 -2.55 32.61
C VAL A 428 -8.88 -1.81 33.03
N ARG A 429 -8.81 -0.49 33.04
CA ARG A 429 -9.96 0.32 33.43
C ARG A 429 -10.70 0.81 32.20
N ILE A 430 -11.93 0.35 32.06
CA ILE A 430 -12.71 0.73 30.88
C ILE A 430 -13.63 1.87 31.30
N VAL A 431 -13.31 3.05 30.80
CA VAL A 431 -14.03 4.26 31.21
C VAL A 431 -15.01 4.71 30.13
N SER A 432 -16.17 5.20 30.52
CA SER A 432 -17.20 5.65 29.60
C SER A 432 -16.94 7.02 29.03
N PRO A 445 -3.45 1.52 33.18
CA PRO A 445 -4.04 1.35 31.85
C PRO A 445 -5.53 1.71 31.83
N VAL A 446 -5.91 2.64 30.96
CA VAL A 446 -7.30 3.05 30.87
C VAL A 446 -7.70 3.04 29.39
N LEU A 447 -8.93 2.65 29.16
CA LEU A 447 -9.41 2.50 27.76
C LEU A 447 -10.83 3.03 27.68
N THR A 448 -11.14 3.74 26.59
CA THR A 448 -12.54 4.09 26.29
C THR A 448 -12.94 3.36 25.00
N PHE A 449 -14.08 2.72 25.03
CA PHE A 449 -14.57 2.07 23.80
C PHE A 449 -15.46 3.01 22.99
N GLN A 450 -15.34 2.91 21.69
CA GLN A 450 -16.12 3.72 20.78
C GLN A 450 -17.26 2.91 20.21
N SER A 451 -17.09 1.58 20.15
CA SER A 451 -18.12 0.71 19.51
C SER A 451 -19.16 0.23 20.55
N GLU A 452 -20.41 0.11 20.12
CA GLU A 452 -21.45 -0.45 21.02
C GLU A 452 -21.19 -1.93 21.30
N LYS A 453 -20.63 -2.68 20.35
CA LYS A 453 -20.30 -4.08 20.63
C LYS A 453 -19.35 -4.22 21.82
N MET A 454 -18.24 -3.46 21.84
CA MET A 454 -17.30 -3.69 22.95
C MET A 454 -17.83 -3.11 24.26
N LYS A 455 -18.62 -2.03 24.17
CA LYS A 455 -19.27 -1.53 25.41
C LYS A 455 -20.11 -2.60 26.12
N GLY A 456 -20.82 -3.38 25.34
CA GLY A 456 -21.70 -4.44 25.91
C GLY A 456 -20.89 -5.64 26.35
N MET A 457 -19.63 -5.71 25.88
CA MET A 457 -18.79 -6.85 26.22
CA MET A 457 -18.68 -6.79 26.14
C MET A 457 -17.99 -6.60 27.48
N LYS A 458 -18.02 -5.36 27.98
CA LYS A 458 -17.13 -4.95 29.07
C LYS A 458 -17.23 -5.88 30.26
N GLU A 459 -18.44 -6.15 30.73
CA GLU A 459 -18.72 -7.05 31.85
CA GLU A 459 -18.52 -6.97 31.94
C GLU A 459 -17.95 -8.38 31.73
N LEU A 460 -18.05 -8.96 30.54
CA LEU A 460 -17.51 -10.30 30.27
C LEU A 460 -15.99 -10.36 30.22
N LEU A 461 -15.33 -9.20 30.07
CA LEU A 461 -13.87 -9.21 29.80
C LEU A 461 -12.96 -9.53 30.99
N VAL A 462 -13.56 -9.69 32.17
CA VAL A 462 -12.85 -9.77 33.45
C VAL A 462 -12.99 -11.06 34.28
N ALA A 463 -13.94 -11.92 33.92
CA ALA A 463 -14.19 -13.16 34.66
C ALA A 463 -13.01 -14.13 34.55
N THR A 464 -12.79 -14.93 35.60
CA THR A 464 -11.66 -15.87 35.60
C THR A 464 -11.75 -16.81 34.42
N LYS A 465 -12.95 -17.33 34.16
CA LYS A 465 -13.21 -18.09 32.95
C LYS A 465 -14.11 -17.22 32.11
N ILE A 466 -13.62 -16.92 30.92
CA ILE A 466 -14.36 -16.21 29.91
C ILE A 466 -15.63 -16.97 29.56
N ASN A 467 -16.77 -16.27 29.50
CA ASN A 467 -17.99 -16.89 29.01
C ASN A 467 -18.01 -16.89 27.48
N SER A 468 -17.48 -17.95 26.89
CA SER A 468 -17.34 -18.06 25.47
C SER A 468 -18.65 -17.81 24.73
N SER A 469 -19.74 -18.46 25.16
CA SER A 469 -20.99 -18.31 24.45
CA SER A 469 -20.99 -18.32 24.45
C SER A 469 -21.51 -16.87 24.49
N ALA A 470 -21.39 -16.22 25.64
CA ALA A 470 -21.90 -14.83 25.77
C ALA A 470 -21.02 -13.90 24.92
N ILE A 471 -19.70 -14.15 24.93
CA ILE A 471 -18.79 -13.37 24.01
C ILE A 471 -19.19 -13.49 22.56
N LYS A 472 -19.39 -14.73 22.08
CA LYS A 472 -19.82 -14.98 20.75
C LYS A 472 -21.10 -14.23 20.45
N LEU A 473 -22.07 -14.26 21.37
CA LEU A 473 -23.35 -13.59 21.10
C LEU A 473 -23.13 -12.06 20.95
N GLN A 474 -22.26 -11.52 21.76
CA GLN A 474 -22.09 -10.05 21.75
C GLN A 474 -21.30 -9.60 20.53
N LEU A 475 -20.36 -10.41 20.06
CA LEU A 475 -19.52 -9.96 18.95
C LEU A 475 -20.27 -10.10 17.62
N THR A 476 -21.20 -11.03 17.53
CA THR A 476 -21.84 -11.28 16.25
C THR A 476 -23.25 -10.80 16.24
N ALA A 477 -23.71 -10.30 17.39
CA ALA A 477 -25.06 -9.78 17.52
C ALA A 477 -26.07 -10.85 17.16
N GLN A 478 -25.67 -12.10 17.36
CA GLN A 478 -26.55 -13.24 17.03
C GLN A 478 -27.59 -13.22 18.09
N SER A 479 -28.81 -13.49 17.71
CA SER A 479 -29.94 -13.14 18.59
C SER A 479 -30.28 -14.31 19.50
N GLN A 480 -30.04 -15.54 19.01
CA GLN A 480 -30.61 -16.75 19.63
C GLN A 480 -29.61 -17.88 19.79
N VAL A 481 -29.87 -18.77 20.76
CA VAL A 481 -29.06 -19.99 20.92
C VAL A 481 -29.80 -21.22 20.38
N GLN A 482 -29.14 -22.38 20.38
CA GLN A 482 -29.69 -23.60 19.75
C GLN A 482 -30.99 -24.02 20.43
N MET A 483 -32.01 -24.30 19.61
CA MET A 483 -33.36 -24.65 20.09
C MET A 483 -33.35 -25.84 21.06
N LYS A 484 -32.88 -26.98 20.58
CA LYS A 484 -32.80 -28.21 21.36
C LYS A 484 -31.60 -28.26 22.32
N LYS A 485 -31.82 -28.88 23.48
#